data_8HYP
#
_entry.id   8HYP
#
_cell.length_a   76.759
_cell.length_b   84.020
_cell.length_c   61.938
_cell.angle_alpha   90.00
_cell.angle_beta   100.04
_cell.angle_gamma   90.00
#
_symmetry.space_group_name_H-M   'C 1 2 1'
#
loop_
_entity.id
_entity.type
_entity.pdbx_description
1 polymer '4-hydroxyphenylpyruvate dioxygenase'
2 non-polymer 'COBALT (II) ION'
3 non-polymer 3-[(4-fluorophenyl)methyl]-1,5-dimethyl-6-(2-oxidanyl-6-oxidanylidene-cyclohexen-1-yl)carbonyl-quinazoline-2,4-dione
4 water water
#
_entity_poly.entity_id   1
_entity_poly.type   'polypeptide(L)'
_entity_poly.pdbx_seq_one_letter_code
;GSHMVRKNPKSDKFKVKRFHHIEFWCGDATNVARRFSWGLGMRFSAKSDLSTGNMVHASYLLTSGDLRFLFTAPYSPSLS
AGEIKPTTTASIPSFDHGSCRSFFSSHGLGVRAVAIEVEDAESAFSISVANGAIPSSPPIVLNEAVTIAEVKLYGDVVLR
YVSYKAEDTEKSEFLPGFERVEDASSFPLDYGIRRLDHAVGNVPELGPALTYVAGFTGFHQFAEFTADDVGTAESGLNSA
VLASNDEMVLLPINEPVHGTKRKSQIQTYLEHNEGAGLQHLALMSEDIFRTLREMRKRSSIGGFDFMPSPPPTYYQNLKK
RVGDVLSDDQIKECEELGILVDRDDQGTLLQIFTKPLGDRPTIFIEIIQRVGCMMKDEEGKAYQSGGCGGFGKGNFSELF
KSIEEYEKTLEAKQLVG
;
_entity_poly.pdbx_strand_id   A
#
loop_
_chem_comp.id
_chem_comp.type
_chem_comp.name
_chem_comp.formula
CO non-polymer 'COBALT (II) ION' 'Co 2'
T8U non-polymer 3-[(4-fluorophenyl)methyl]-1,5-dimethyl-6-(2-oxidanyl-6-oxidanylidene-cyclohexen-1-yl)carbonyl-quinazoline-2,4-dione 'C24 H21 F N2 O5'
#
# COMPACT_ATOMS: atom_id res chain seq x y z
N LYS A 7 -14.69 -17.01 -10.68
CA LYS A 7 -13.72 -17.81 -11.41
C LYS A 7 -12.28 -17.32 -11.18
N ASN A 8 -11.39 -18.27 -10.90
CA ASN A 8 -9.98 -17.98 -10.64
C ASN A 8 -9.19 -19.02 -11.44
N PRO A 9 -8.67 -18.65 -12.61
CA PRO A 9 -7.96 -19.63 -13.45
C PRO A 9 -6.54 -19.97 -13.01
N LYS A 10 -6.04 -19.34 -11.94
CA LYS A 10 -4.75 -19.66 -11.35
C LYS A 10 -3.62 -19.65 -12.38
N SER A 11 -3.48 -18.50 -13.04
CA SER A 11 -2.60 -18.36 -14.18
C SER A 11 -1.29 -17.63 -13.88
N ASP A 12 -0.93 -17.44 -12.60
CA ASP A 12 0.35 -16.84 -12.24
C ASP A 12 1.48 -17.50 -13.00
N LYS A 13 2.33 -16.68 -13.62
CA LYS A 13 3.44 -17.21 -14.40
C LYS A 13 4.65 -17.58 -13.54
N PHE A 14 4.64 -17.24 -12.26
CA PHE A 14 5.67 -17.67 -11.32
C PHE A 14 5.05 -17.72 -9.94
N LYS A 15 5.73 -18.39 -9.01
CA LYS A 15 5.18 -18.61 -7.68
C LYS A 15 5.31 -17.32 -6.86
N VAL A 16 4.17 -16.78 -6.45
CA VAL A 16 4.10 -15.56 -5.65
C VAL A 16 3.61 -15.95 -4.26
N LYS A 17 4.18 -15.34 -3.22
CA LYS A 17 3.74 -15.68 -1.88
C LYS A 17 2.85 -14.58 -1.33
N ARG A 18 3.43 -13.56 -0.71
CA ARG A 18 2.62 -12.51 -0.10
C ARG A 18 3.31 -11.17 -0.35
N PHE A 19 2.56 -10.10 -0.12
CA PHE A 19 3.19 -8.78 -0.01
C PHE A 19 4.34 -8.85 0.99
N HIS A 20 5.46 -8.23 0.62
CA HIS A 20 6.63 -8.24 1.49
C HIS A 20 6.87 -6.89 2.16
N HIS A 21 6.98 -5.82 1.39
CA HIS A 21 7.14 -4.50 1.99
C HIS A 21 6.69 -3.44 0.99
N ILE A 22 6.56 -2.21 1.48
CA ILE A 22 6.27 -1.04 0.65
C ILE A 22 7.39 -0.06 0.94
N GLU A 23 8.02 0.47 -0.11
CA GLU A 23 9.09 1.45 0.07
C GLU A 23 8.62 2.84 -0.36
N PHE A 24 8.72 3.80 0.55
CA PHE A 24 8.51 5.21 0.27
C PHE A 24 9.85 5.85 -0.07
N TRP A 25 9.85 6.68 -1.11
CA TRP A 25 10.99 7.53 -1.39
C TRP A 25 10.71 8.92 -0.84
N CYS A 26 11.64 9.41 -0.02
CA CYS A 26 11.44 10.59 0.83
C CYS A 26 12.54 11.59 0.56
N GLY A 27 12.35 12.80 1.10
CA GLY A 27 13.45 13.73 1.10
C GLY A 27 14.26 13.58 2.37
N ASP A 28 13.55 13.36 3.47
CA ASP A 28 14.18 13.04 4.76
C ASP A 28 13.49 11.81 5.32
N ALA A 29 14.19 10.68 5.31
CA ALA A 29 13.55 9.44 5.76
C ALA A 29 13.28 9.45 7.27
N THR A 30 14.14 10.11 8.04
CA THR A 30 13.99 10.14 9.49
C THR A 30 12.66 10.75 9.91
N ASN A 31 12.34 11.93 9.38
CA ASN A 31 11.12 12.61 9.82
C ASN A 31 9.87 11.91 9.34
N VAL A 32 9.88 11.36 8.11
CA VAL A 32 8.70 10.65 7.66
C VAL A 32 8.51 9.37 8.47
N ALA A 33 9.61 8.65 8.73
CA ALA A 33 9.48 7.39 9.45
C ALA A 33 9.00 7.63 10.88
N ARG A 34 9.49 8.69 11.54
CA ARG A 34 9.05 8.95 12.90
C ARG A 34 7.58 9.35 12.96
N ARG A 35 7.14 10.17 12.00
CA ARG A 35 5.72 10.55 11.92
C ARG A 35 4.85 9.31 11.71
N PHE A 36 5.23 8.47 10.74
CA PHE A 36 4.45 7.27 10.44
C PHE A 36 4.43 6.31 11.63
N SER A 37 5.57 6.14 12.30
CA SER A 37 5.64 5.24 13.46
C SER A 37 4.60 5.65 14.51
N TRP A 38 4.58 6.92 14.86
CA TRP A 38 3.66 7.39 15.89
C TRP A 38 2.21 7.34 15.41
N GLY A 39 1.98 7.74 14.16
CA GLY A 39 0.61 7.84 13.66
C GLY A 39 -0.05 6.50 13.45
N LEU A 40 0.72 5.48 13.08
CA LEU A 40 0.19 4.16 12.71
C LEU A 40 0.48 3.07 13.72
N GLY A 41 1.33 3.34 14.71
CA GLY A 41 1.65 2.33 15.69
C GLY A 41 2.58 1.26 15.15
N MET A 42 3.62 1.67 14.43
CA MET A 42 4.59 0.76 13.88
C MET A 42 5.92 0.96 14.59
N ARG A 43 6.60 -0.15 14.85
CA ARG A 43 7.86 -0.14 15.57
C ARG A 43 9.03 0.01 14.61
N PHE A 44 10.06 0.73 15.05
CA PHE A 44 11.33 0.75 14.32
C PHE A 44 12.03 -0.59 14.45
N SER A 45 12.27 -1.24 13.31
CA SER A 45 12.72 -2.63 13.28
C SER A 45 14.11 -2.83 12.68
N ALA A 46 14.48 -2.05 11.66
CA ALA A 46 15.79 -2.23 11.05
C ALA A 46 16.22 -0.90 10.43
N LYS A 47 17.52 -0.78 10.19
CA LYS A 47 18.07 0.42 9.60
C LYS A 47 19.25 0.09 8.70
N SER A 48 19.45 0.94 7.71
CA SER A 48 20.64 0.92 6.86
C SER A 48 20.96 2.38 6.60
N ASP A 49 22.08 2.86 7.15
CA ASP A 49 22.39 4.29 7.06
C ASP A 49 23.88 4.47 7.37
N LEU A 50 24.29 5.72 7.61
CA LEU A 50 25.71 6.00 7.88
C LEU A 50 26.24 5.14 9.01
N SER A 51 25.41 4.88 10.03
CA SER A 51 25.89 4.13 11.17
C SER A 51 26.09 2.65 10.86
N THR A 52 25.54 2.17 9.74
CA THR A 52 25.75 0.80 9.31
C THR A 52 26.70 0.71 8.14
N GLY A 53 27.33 1.82 7.74
CA GLY A 53 28.28 1.82 6.66
C GLY A 53 27.72 2.18 5.30
N ASN A 54 26.44 2.53 5.23
CA ASN A 54 25.80 2.89 3.97
C ASN A 54 26.04 4.38 3.73
N MET A 55 26.89 4.70 2.76
CA MET A 55 27.21 6.08 2.42
C MET A 55 26.31 6.65 1.33
N VAL A 56 25.33 5.88 0.87
CA VAL A 56 24.53 6.22 -0.29
C VAL A 56 23.14 6.68 0.10
N HIS A 57 22.44 5.92 0.93
CA HIS A 57 21.07 6.23 1.27
C HIS A 57 20.80 5.88 2.72
N ALA A 58 19.83 6.58 3.29
CA ALA A 58 19.31 6.30 4.62
C ALA A 58 17.99 5.58 4.47
N SER A 59 17.86 4.39 5.08
CA SER A 59 16.67 3.58 4.95
C SER A 59 16.26 3.08 6.32
N TYR A 60 15.01 3.34 6.70
CA TYR A 60 14.50 2.92 8.00
C TYR A 60 13.27 2.06 7.79
N LEU A 61 13.24 0.92 8.49
CA LEU A 61 12.15 -0.04 8.36
C LEU A 61 11.24 0.01 9.57
N LEU A 62 9.94 0.19 9.35
CA LEU A 62 8.92 0.10 10.39
C LEU A 62 8.12 -1.18 10.20
N THR A 63 7.70 -1.81 11.29
CA THR A 63 6.90 -3.01 11.16
C THR A 63 5.71 -2.97 12.12
N SER A 64 4.60 -3.57 11.68
CA SER A 64 3.48 -3.85 12.57
C SER A 64 2.91 -5.20 12.14
N GLY A 65 3.08 -6.22 12.97
CA GLY A 65 2.74 -7.56 12.50
C GLY A 65 3.59 -7.91 11.29
N ASP A 66 2.92 -8.28 10.19
CA ASP A 66 3.62 -8.61 8.95
C ASP A 66 3.73 -7.44 8.01
N LEU A 67 3.21 -6.27 8.40
CA LEU A 67 3.31 -5.09 7.55
C LEU A 67 4.69 -4.45 7.70
N ARG A 68 5.32 -4.13 6.57
CA ARG A 68 6.67 -3.57 6.54
C ARG A 68 6.66 -2.32 5.67
N PHE A 69 6.91 -1.16 6.29
CA PHE A 69 7.06 0.11 5.59
C PHE A 69 8.53 0.51 5.62
N LEU A 70 9.13 0.75 4.45
CA LEU A 70 10.51 1.18 4.32
C LEU A 70 10.54 2.62 3.85
N PHE A 71 11.33 3.46 4.52
CA PHE A 71 11.49 4.87 4.16
C PHE A 71 12.94 5.12 3.81
N THR A 72 13.17 5.62 2.58
CA THR A 72 14.51 5.79 2.04
C THR A 72 14.68 7.20 1.48
N ALA A 73 15.85 7.77 1.73
CA ALA A 73 16.20 9.09 1.22
C ALA A 73 17.69 9.09 0.85
N PRO A 74 18.09 9.88 -0.14
CA PRO A 74 19.50 9.90 -0.53
C PRO A 74 20.33 10.83 0.33
N TYR A 75 21.59 10.43 0.56
CA TYR A 75 22.59 11.32 1.11
C TYR A 75 23.17 12.17 0.00
N SER A 76 24.03 13.12 0.35
CA SER A 76 24.78 13.84 -0.66
C SER A 76 25.56 12.85 -1.52
N PRO A 77 25.51 12.95 -2.85
CA PRO A 77 26.33 12.08 -3.68
C PRO A 77 27.81 12.16 -3.38
N SER A 78 28.27 13.27 -2.80
CA SER A 78 29.70 13.42 -2.54
C SER A 78 30.23 12.36 -1.57
N LEU A 79 29.37 11.82 -0.70
CA LEU A 79 29.83 10.82 0.27
C LEU A 79 30.24 9.53 -0.41
N SER A 80 29.66 9.24 -1.57
CA SER A 80 29.90 7.98 -2.27
C SER A 80 30.48 8.22 -3.65
N ALA A 81 31.10 9.38 -3.88
CA ALA A 81 31.53 9.75 -5.22
C ALA A 81 32.59 8.80 -5.76
N GLY A 82 33.38 8.18 -4.89
CA GLY A 82 34.41 7.27 -5.37
C GLY A 82 33.94 5.86 -5.61
N GLU A 83 32.69 5.56 -5.27
CA GLU A 83 32.16 4.21 -5.43
C GLU A 83 31.70 3.97 -6.86
N ILE A 84 31.72 2.69 -7.25
CA ILE A 84 31.04 2.22 -8.45
C ILE A 84 30.11 1.10 -7.98
N LYS A 85 29.20 0.68 -8.87
CA LYS A 85 28.27 -0.37 -8.46
C LYS A 85 28.98 -1.59 -7.88
N PRO A 86 30.08 -2.10 -8.44
CA PRO A 86 30.80 -3.21 -7.81
C PRO A 86 31.33 -2.93 -6.40
N THR A 87 31.55 -1.66 -6.02
CA THR A 87 32.07 -1.33 -4.68
C THR A 87 31.05 -0.56 -3.83
N THR A 88 29.76 -0.66 -4.15
CA THR A 88 28.78 0.21 -3.49
C THR A 88 28.60 -0.18 -2.03
N THR A 89 28.35 0.83 -1.21
CA THR A 89 27.93 0.63 0.18
C THR A 89 26.42 0.68 0.35
N ALA A 90 25.68 0.92 -0.73
CA ALA A 90 24.22 0.85 -0.67
C ALA A 90 23.78 -0.55 -0.30
N SER A 91 22.75 -0.64 0.52
CA SER A 91 22.17 -1.94 0.85
C SER A 91 21.06 -2.35 -0.09
N ILE A 92 20.49 -1.39 -0.82
CA ILE A 92 19.49 -1.68 -1.83
C ILE A 92 20.10 -1.34 -3.18
N PRO A 93 20.60 -2.33 -3.92
CA PRO A 93 21.42 -2.02 -5.10
C PRO A 93 20.66 -1.32 -6.21
N SER A 94 19.32 -1.38 -6.21
CA SER A 94 18.58 -0.65 -7.22
C SER A 94 18.54 0.85 -6.99
N PHE A 95 18.97 1.32 -5.82
CA PHE A 95 18.85 2.73 -5.50
C PHE A 95 19.76 3.57 -6.38
N ASP A 96 19.26 4.74 -6.78
CA ASP A 96 20.02 5.69 -7.59
C ASP A 96 19.70 7.09 -7.09
N HIS A 97 20.75 7.88 -6.76
CA HIS A 97 20.52 9.24 -6.27
C HIS A 97 19.65 10.03 -7.24
N GLY A 98 20.02 10.03 -8.51
CA GLY A 98 19.29 10.82 -9.50
C GLY A 98 17.85 10.38 -9.64
N SER A 99 17.61 9.06 -9.69
CA SER A 99 16.25 8.56 -9.79
C SER A 99 15.41 8.99 -8.60
N CYS A 100 15.98 8.89 -7.41
CA CYS A 100 15.23 9.22 -6.20
C CYS A 100 14.92 10.70 -6.12
N ARG A 101 15.90 11.54 -6.42
CA ARG A 101 15.65 12.98 -6.40
C ARG A 101 14.63 13.37 -7.46
N SER A 102 14.71 12.75 -8.65
CA SER A 102 13.75 13.08 -9.70
C SER A 102 12.36 12.58 -9.34
N PHE A 103 12.26 11.38 -8.77
CA PHE A 103 10.96 10.87 -8.32
C PHE A 103 10.32 11.82 -7.33
N PHE A 104 11.09 12.24 -6.32
CA PHE A 104 10.51 13.06 -5.27
C PHE A 104 10.17 14.46 -5.78
N SER A 105 11.01 15.02 -6.66
CA SER A 105 10.68 16.30 -7.27
C SER A 105 9.38 16.21 -8.05
N SER A 106 9.20 15.13 -8.80
CA SER A 106 8.04 15.04 -9.68
C SER A 106 6.77 14.76 -8.89
N HIS A 107 6.85 13.83 -7.93
CA HIS A 107 5.66 13.25 -7.33
C HIS A 107 5.46 13.66 -5.89
N GLY A 108 6.49 14.20 -5.24
CA GLY A 108 6.44 14.39 -3.80
C GLY A 108 6.53 13.04 -3.10
N LEU A 109 6.25 13.06 -1.80
CA LEU A 109 6.31 11.84 -0.97
C LEU A 109 5.36 10.77 -1.49
N GLY A 110 5.88 9.57 -1.69
CA GLY A 110 5.02 8.53 -2.24
C GLY A 110 5.74 7.19 -2.30
N VAL A 111 4.99 6.21 -2.79
CA VAL A 111 5.47 4.84 -2.86
C VAL A 111 6.28 4.67 -4.14
N ARG A 112 7.54 4.27 -4.00
CA ARG A 112 8.39 3.89 -5.13
C ARG A 112 8.22 2.41 -5.46
N ALA A 113 8.17 1.55 -4.46
CA ALA A 113 8.16 0.11 -4.71
C ALA A 113 7.05 -0.61 -3.95
N VAL A 114 6.34 -1.48 -4.65
CA VAL A 114 5.43 -2.45 -4.07
C VAL A 114 6.17 -3.79 -4.16
N ALA A 115 6.60 -4.34 -3.04
CA ALA A 115 7.44 -5.52 -3.07
C ALA A 115 6.65 -6.76 -2.69
N ILE A 116 6.77 -7.81 -3.49
CA ILE A 116 6.14 -9.08 -3.17
C ILE A 116 7.21 -10.14 -3.01
N GLU A 117 6.99 -11.07 -2.08
CA GLU A 117 7.92 -12.18 -1.92
C GLU A 117 7.55 -13.26 -2.91
N VAL A 118 8.55 -13.78 -3.62
CA VAL A 118 8.34 -14.82 -4.61
C VAL A 118 9.30 -15.96 -4.30
N GLU A 119 9.10 -17.06 -5.04
CA GLU A 119 9.95 -18.23 -4.86
C GLU A 119 11.37 -17.97 -5.36
N ASP A 120 11.49 -17.26 -6.48
CA ASP A 120 12.79 -17.07 -7.12
C ASP A 120 12.71 -15.75 -7.88
N ALA A 121 13.33 -14.71 -7.31
CA ALA A 121 13.24 -13.38 -7.89
C ALA A 121 13.88 -13.32 -9.27
N GLU A 122 14.96 -14.07 -9.47
CA GLU A 122 15.59 -14.06 -10.79
C GLU A 122 14.68 -14.67 -11.84
N SER A 123 14.01 -15.78 -11.50
CA SER A 123 13.05 -16.39 -12.42
C SER A 123 11.85 -15.47 -12.63
N ALA A 124 11.30 -14.92 -11.53
CA ALA A 124 10.17 -14.00 -11.66
C ALA A 124 10.52 -12.84 -12.60
N PHE A 125 11.73 -12.30 -12.47
CA PHE A 125 12.14 -11.20 -13.33
C PHE A 125 12.21 -11.65 -14.78
N SER A 126 12.88 -12.78 -15.02
CA SER A 126 13.05 -13.29 -16.38
C SER A 126 11.71 -13.57 -17.05
N ILE A 127 10.82 -14.27 -16.34
CA ILE A 127 9.51 -14.57 -16.90
C ILE A 127 8.72 -13.29 -17.12
N SER A 128 8.78 -12.35 -16.16
CA SER A 128 8.04 -11.11 -16.33
C SER A 128 8.49 -10.37 -17.57
N VAL A 129 9.79 -10.25 -17.78
CA VAL A 129 10.29 -9.47 -18.91
C VAL A 129 10.04 -10.21 -20.22
N ALA A 130 10.14 -11.55 -20.19
CA ALA A 130 9.81 -12.33 -21.38
C ALA A 130 8.34 -12.18 -21.74
N ASN A 131 7.50 -11.77 -20.80
CA ASN A 131 6.08 -11.58 -21.04
C ASN A 131 5.68 -10.11 -21.04
N GLY A 132 6.62 -9.20 -21.29
CA GLY A 132 6.29 -7.83 -21.57
C GLY A 132 6.62 -6.83 -20.48
N ALA A 133 7.09 -7.26 -19.32
CA ALA A 133 7.43 -6.31 -18.27
C ALA A 133 8.63 -5.44 -18.69
N ILE A 134 8.54 -4.15 -18.36
CA ILE A 134 9.64 -3.23 -18.61
C ILE A 134 10.61 -3.35 -17.44
N PRO A 135 11.84 -3.83 -17.68
CA PRO A 135 12.79 -3.98 -16.58
C PRO A 135 13.15 -2.64 -15.97
N SER A 136 13.33 -2.65 -14.66
CA SER A 136 13.78 -1.48 -13.92
C SER A 136 15.10 -1.71 -13.21
N SER A 137 15.27 -2.87 -12.56
CA SER A 137 16.51 -3.23 -11.91
C SER A 137 16.69 -4.73 -12.07
N PRO A 138 17.83 -5.19 -12.59
CA PRO A 138 18.02 -6.62 -12.83
C PRO A 138 18.21 -7.37 -11.52
N PRO A 139 18.09 -8.70 -11.54
CA PRO A 139 18.23 -9.46 -10.29
C PRO A 139 19.64 -9.34 -9.75
N ILE A 140 19.73 -9.04 -8.45
CA ILE A 140 21.01 -8.93 -7.76
C ILE A 140 20.92 -9.79 -6.52
N VAL A 141 21.92 -10.65 -6.32
CA VAL A 141 21.98 -11.52 -5.16
C VAL A 141 22.76 -10.82 -4.06
N LEU A 142 22.15 -10.71 -2.88
CA LEU A 142 22.73 -9.99 -1.76
C LEU A 142 23.26 -10.99 -0.75
N ASN A 143 24.57 -10.97 -0.51
CA ASN A 143 25.22 -11.82 0.49
C ASN A 143 24.87 -13.30 0.30
N GLU A 144 24.67 -13.73 -0.94
CA GLU A 144 24.31 -15.11 -1.27
C GLU A 144 23.05 -15.57 -0.54
N ALA A 145 22.19 -14.65 -0.16
CA ALA A 145 21.09 -14.99 0.75
C ALA A 145 19.74 -14.47 0.28
N VAL A 146 19.70 -13.32 -0.38
CA VAL A 146 18.44 -12.73 -0.85
C VAL A 146 18.65 -12.25 -2.28
N THR A 147 17.63 -12.40 -3.11
CA THR A 147 17.64 -11.87 -4.47
C THR A 147 16.52 -10.85 -4.62
N ILE A 148 16.85 -9.70 -5.21
CA ILE A 148 15.88 -8.64 -5.47
C ILE A 148 15.99 -8.22 -6.94
N ALA A 149 14.84 -7.96 -7.55
CA ALA A 149 14.73 -7.48 -8.91
C ALA A 149 13.49 -6.61 -9.01
N GLU A 150 13.44 -5.76 -10.03
CA GLU A 150 12.37 -4.77 -10.14
C GLU A 150 11.93 -4.59 -11.58
N VAL A 151 10.62 -4.49 -11.78
CA VAL A 151 10.06 -4.15 -13.09
C VAL A 151 9.08 -3.01 -12.91
N LYS A 152 8.82 -2.28 -14.00
CA LYS A 152 7.88 -1.17 -13.90
C LYS A 152 6.45 -1.69 -13.70
N LEU A 153 5.72 -1.04 -12.80
CA LEU A 153 4.33 -1.39 -12.52
C LEU A 153 3.38 -0.38 -13.17
N TYR A 154 3.45 0.88 -12.75
CA TYR A 154 2.77 1.99 -13.40
C TYR A 154 3.45 3.28 -12.98
N GLY A 155 3.39 4.29 -13.86
CA GLY A 155 4.10 5.54 -13.57
C GLY A 155 5.54 5.26 -13.22
N ASP A 156 5.98 5.82 -12.10
CA ASP A 156 7.32 5.56 -11.60
C ASP A 156 7.33 4.59 -10.41
N VAL A 157 6.27 3.79 -10.26
CA VAL A 157 6.19 2.76 -9.25
C VAL A 157 6.72 1.46 -9.84
N VAL A 158 7.53 0.73 -9.08
CA VAL A 158 8.06 -0.56 -9.52
C VAL A 158 7.41 -1.66 -8.70
N LEU A 159 7.24 -2.82 -9.35
CA LEU A 159 6.93 -4.05 -8.65
C LEU A 159 8.27 -4.73 -8.33
N ARG A 160 8.55 -4.92 -7.05
CA ARG A 160 9.82 -5.47 -6.61
C ARG A 160 9.62 -6.93 -6.23
N TYR A 161 10.47 -7.80 -6.77
CA TYR A 161 10.46 -9.21 -6.40
C TYR A 161 11.58 -9.46 -5.40
N VAL A 162 11.25 -10.15 -4.30
CA VAL A 162 12.27 -10.55 -3.33
C VAL A 162 12.12 -12.03 -3.05
N SER A 163 13.25 -12.75 -3.00
CA SER A 163 13.23 -14.18 -2.69
C SER A 163 14.36 -14.48 -1.72
N TYR A 164 14.10 -15.38 -0.78
CA TYR A 164 15.03 -15.73 0.28
C TYR A 164 15.44 -17.19 0.13
N LYS A 165 16.74 -17.45 0.28
CA LYS A 165 17.21 -18.82 0.28
C LYS A 165 16.70 -19.57 1.51
N ALA A 166 16.83 -18.95 2.68
CA ALA A 166 16.34 -19.57 3.92
C ALA A 166 14.97 -19.04 4.31
N GLU A 173 17.41 -9.25 9.35
CA GLU A 173 16.72 -10.32 8.63
C GLU A 173 15.98 -9.77 7.42
N PHE A 174 15.72 -8.46 7.41
CA PHE A 174 15.03 -7.83 6.29
C PHE A 174 15.82 -8.01 5.00
N LEU A 175 16.94 -7.32 4.90
CA LEU A 175 17.86 -7.47 3.81
C LEU A 175 19.27 -7.47 4.38
N PRO A 176 20.22 -8.15 3.73
CA PRO A 176 21.61 -8.04 4.15
C PRO A 176 22.06 -6.59 4.16
N GLY A 177 22.87 -6.24 5.16
CA GLY A 177 23.32 -4.89 5.31
C GLY A 177 22.44 -4.04 6.20
N PHE A 178 21.21 -4.47 6.46
CA PHE A 178 20.37 -3.82 7.46
C PHE A 178 20.69 -4.37 8.84
N GLU A 179 20.73 -3.49 9.83
CA GLU A 179 20.93 -3.89 11.21
C GLU A 179 19.62 -3.82 11.97
N ARG A 180 19.39 -4.80 12.84
CA ARG A 180 18.28 -4.72 13.79
C ARG A 180 18.48 -3.53 14.70
N VAL A 181 17.39 -2.88 15.08
CA VAL A 181 17.47 -1.62 15.83
C VAL A 181 17.64 -1.91 17.31
N GLU A 182 18.55 -1.17 17.94
CA GLU A 182 18.74 -1.28 19.39
C GLU A 182 17.43 -0.98 20.11
N ASP A 183 16.93 -1.96 20.87
CA ASP A 183 15.56 -1.91 21.37
C ASP A 183 15.30 -0.71 22.25
N ALA A 184 16.34 -0.04 22.76
CA ALA A 184 16.14 1.25 23.42
C ALA A 184 15.62 2.28 22.44
N SER A 185 15.99 2.16 21.17
CA SER A 185 15.45 3.00 20.10
C SER A 185 14.19 2.40 19.48
N SER A 186 13.72 1.25 19.96
CA SER A 186 12.57 0.56 19.36
C SER A 186 11.45 0.40 20.40
N PHE A 187 10.63 1.43 20.51
CA PHE A 187 9.46 1.39 21.39
C PHE A 187 8.39 0.47 20.81
N PRO A 188 7.78 -0.42 21.61
CA PRO A 188 6.89 -1.45 21.04
C PRO A 188 5.47 -0.95 20.80
N LEU A 189 5.33 0.09 19.98
CA LEU A 189 4.01 0.57 19.60
C LEU A 189 3.25 -0.49 18.80
N ASP A 190 1.94 -0.55 19.00
CA ASP A 190 1.09 -1.47 18.26
C ASP A 190 -0.36 -1.04 18.38
N TYR A 191 -0.98 -0.58 17.30
CA TYR A 191 -2.40 -0.21 17.32
C TYR A 191 -3.28 -1.27 16.65
N GLY A 192 -2.72 -2.42 16.30
CA GLY A 192 -3.51 -3.50 15.76
C GLY A 192 -3.32 -3.79 14.28
N ILE A 193 -2.54 -3.00 13.57
CA ILE A 193 -2.35 -3.28 12.15
C ILE A 193 -1.46 -4.50 11.96
N ARG A 194 -1.81 -5.37 11.00
CA ARG A 194 -1.16 -6.65 10.88
C ARG A 194 -0.60 -6.97 9.49
N ARG A 195 -1.20 -6.48 8.41
CA ARG A 195 -0.63 -6.78 7.10
C ARG A 195 -1.18 -5.82 6.04
N LEU A 196 -0.53 -5.84 4.89
CA LEU A 196 -1.03 -5.09 3.72
C LEU A 196 -2.10 -5.93 3.03
N ASP A 197 -3.29 -5.38 2.90
CA ASP A 197 -4.35 -6.10 2.23
C ASP A 197 -4.36 -5.86 0.74
N HIS A 198 -4.20 -4.61 0.29
CA HIS A 198 -4.09 -4.33 -1.13
C HIS A 198 -3.42 -2.97 -1.33
N ALA A 199 -2.92 -2.77 -2.55
CA ALA A 199 -2.20 -1.58 -2.96
C ALA A 199 -2.76 -1.15 -4.31
N VAL A 200 -3.16 0.10 -4.42
CA VAL A 200 -4.00 0.57 -5.51
C VAL A 200 -3.28 1.64 -6.31
N GLY A 201 -3.31 1.51 -7.64
CA GLY A 201 -2.73 2.51 -8.53
C GLY A 201 -3.79 3.35 -9.22
N ASN A 202 -3.44 4.61 -9.50
CA ASN A 202 -4.22 5.49 -10.37
C ASN A 202 -3.48 5.67 -11.69
N VAL A 203 -4.20 5.52 -12.80
CA VAL A 203 -3.62 5.64 -14.14
C VAL A 203 -4.56 6.46 -15.01
N PRO A 204 -4.04 7.03 -16.09
CA PRO A 204 -4.92 7.74 -17.03
C PRO A 204 -5.83 6.80 -17.80
N GLU A 205 -5.37 5.59 -18.12
CA GLU A 205 -6.15 4.66 -18.94
C GLU A 205 -6.07 3.25 -18.34
N LEU A 206 -7.22 2.75 -17.88
CA LEU A 206 -7.27 1.48 -17.15
C LEU A 206 -6.93 0.28 -18.03
N GLY A 207 -7.50 0.24 -19.23
CA GLY A 207 -7.33 -0.92 -20.10
C GLY A 207 -5.89 -1.29 -20.38
N PRO A 208 -5.10 -0.34 -20.89
CA PRO A 208 -3.68 -0.64 -21.14
C PRO A 208 -2.90 -0.99 -19.89
N ALA A 209 -3.22 -0.36 -18.75
CA ALA A 209 -2.54 -0.70 -17.51
C ALA A 209 -2.83 -2.14 -17.10
N LEU A 210 -4.10 -2.56 -17.17
CA LEU A 210 -4.47 -3.92 -16.81
C LEU A 210 -3.81 -4.93 -17.74
N THR A 211 -3.88 -4.68 -19.05
CA THR A 211 -3.30 -5.58 -20.03
C THR A 211 -1.81 -5.76 -19.79
N TYR A 212 -1.11 -4.66 -19.48
CA TYR A 212 0.32 -4.73 -19.22
C TYR A 212 0.62 -5.60 -18.01
N VAL A 213 0.00 -5.29 -16.85
CA VAL A 213 0.36 -5.98 -15.61
C VAL A 213 -0.09 -7.44 -15.63
N ALA A 214 -1.36 -7.68 -15.97
CA ALA A 214 -1.83 -9.05 -16.11
C ALA A 214 -1.00 -9.81 -17.15
N GLY A 215 -0.53 -9.09 -18.17
CA GLY A 215 0.29 -9.72 -19.19
C GLY A 215 1.56 -10.34 -18.65
N PHE A 216 2.29 -9.62 -17.80
CA PHE A 216 3.58 -10.15 -17.37
C PHE A 216 3.53 -10.93 -16.07
N THR A 217 2.45 -10.82 -15.30
CA THR A 217 2.32 -11.58 -14.05
C THR A 217 1.49 -12.84 -14.20
N GLY A 218 0.50 -12.83 -15.09
CA GLY A 218 -0.51 -13.87 -15.06
C GLY A 218 -1.55 -13.69 -14.00
N PHE A 219 -1.54 -12.55 -13.28
CA PHE A 219 -2.60 -12.25 -12.34
C PHE A 219 -3.93 -12.16 -13.06
N HIS A 220 -4.99 -12.61 -12.41
CA HIS A 220 -6.32 -12.67 -13.00
C HIS A 220 -7.20 -11.57 -12.44
N GLN A 221 -8.28 -11.28 -13.17
CA GLN A 221 -9.23 -10.29 -12.68
C GLN A 221 -10.03 -10.85 -11.52
N PHE A 222 -10.04 -10.11 -10.42
CA PHE A 222 -10.75 -10.52 -9.21
C PHE A 222 -12.22 -10.16 -9.34
N ALA A 223 -13.10 -11.10 -8.98
CA ALA A 223 -14.53 -10.93 -9.16
C ALA A 223 -15.08 -9.84 -8.24
N GLU A 224 -15.87 -8.92 -8.81
CA GLU A 224 -16.47 -7.83 -8.06
C GLU A 224 -17.99 -7.88 -8.16
N PHE A 225 -18.64 -7.41 -7.10
CA PHE A 225 -20.08 -7.59 -6.82
C PHE A 225 -20.76 -8.73 -7.57
N GLU A 234 -21.66 5.70 -10.63
CA GLU A 234 -21.20 6.67 -11.62
C GLU A 234 -20.57 7.89 -10.95
N SER A 235 -19.62 7.64 -10.03
CA SER A 235 -19.03 8.67 -9.19
C SER A 235 -17.50 8.54 -9.18
N GLY A 236 -16.87 9.03 -10.25
CA GLY A 236 -15.44 9.27 -10.20
C GLY A 236 -14.53 8.39 -11.04
N LEU A 237 -14.74 7.08 -11.03
CA LEU A 237 -13.70 6.17 -11.48
C LEU A 237 -14.29 4.94 -12.13
N ASN A 238 -13.48 4.31 -12.97
CA ASN A 238 -13.61 2.90 -13.31
C ASN A 238 -12.42 2.17 -12.70
N SER A 239 -12.64 0.95 -12.23
CA SER A 239 -11.59 0.22 -11.56
C SER A 239 -11.69 -1.26 -11.89
N ALA A 240 -10.58 -1.96 -11.66
CA ALA A 240 -10.53 -3.41 -11.74
C ALA A 240 -9.40 -3.89 -10.84
N VAL A 241 -9.45 -5.16 -10.46
CA VAL A 241 -8.53 -5.71 -9.48
C VAL A 241 -7.82 -6.93 -10.06
N LEU A 242 -6.49 -6.92 -10.01
CA LEU A 242 -5.66 -8.06 -10.38
C LEU A 242 -5.25 -8.80 -9.12
N ALA A 243 -5.23 -10.14 -9.20
CA ALA A 243 -5.02 -10.99 -8.04
C ALA A 243 -4.11 -12.15 -8.37
N SER A 244 -3.29 -12.55 -7.39
CA SER A 244 -2.46 -13.73 -7.50
C SER A 244 -3.30 -15.00 -7.37
N ASN A 245 -2.65 -16.16 -7.48
CA ASN A 245 -3.35 -17.44 -7.53
C ASN A 245 -4.24 -17.64 -6.31
N ASP A 246 -3.72 -17.41 -5.12
CA ASP A 246 -4.52 -17.53 -3.92
C ASP A 246 -5.21 -16.23 -3.53
N GLU A 247 -5.10 -15.21 -4.38
CA GLU A 247 -5.80 -13.94 -4.22
C GLU A 247 -5.38 -13.24 -2.93
N MET A 248 -4.15 -13.49 -2.50
CA MET A 248 -3.57 -12.80 -1.35
C MET A 248 -2.76 -11.58 -1.75
N VAL A 249 -2.30 -11.51 -2.99
CA VAL A 249 -1.71 -10.29 -3.54
C VAL A 249 -2.78 -9.66 -4.42
N LEU A 250 -3.20 -8.44 -4.06
CA LEU A 250 -4.34 -7.77 -4.68
C LEU A 250 -3.88 -6.40 -5.12
N LEU A 251 -4.00 -6.12 -6.41
CA LEU A 251 -3.54 -4.88 -7.02
C LEU A 251 -4.68 -4.24 -7.80
N PRO A 252 -5.57 -3.51 -7.13
CA PRO A 252 -6.56 -2.73 -7.88
C PRO A 252 -5.93 -1.58 -8.63
N ILE A 253 -6.59 -1.17 -9.72
CA ILE A 253 -6.17 -0.03 -10.55
C ILE A 253 -7.41 0.78 -10.90
N ASN A 254 -7.29 2.11 -10.82
CA ASN A 254 -8.38 3.04 -11.11
C ASN A 254 -8.01 3.93 -12.30
N GLU A 255 -9.02 4.32 -13.06
CA GLU A 255 -8.91 5.38 -14.05
C GLU A 255 -10.00 6.41 -13.79
N PRO A 256 -9.80 7.66 -14.19
CA PRO A 256 -10.84 8.66 -13.97
C PRO A 256 -11.99 8.49 -14.95
N VAL A 257 -13.16 8.99 -14.55
CA VAL A 257 -14.30 9.16 -15.45
C VAL A 257 -14.52 10.64 -15.64
N HIS A 258 -14.25 11.13 -16.85
CA HIS A 258 -14.29 12.55 -17.12
C HIS A 258 -15.71 13.03 -17.44
N GLY A 259 -15.89 14.35 -17.36
CA GLY A 259 -17.12 14.97 -17.81
C GLY A 259 -18.27 14.90 -16.83
N THR A 260 -18.00 14.67 -15.55
CA THR A 260 -19.03 14.62 -14.53
C THR A 260 -19.14 15.97 -13.82
N LYS A 261 -20.14 16.07 -12.94
CA LYS A 261 -20.40 17.32 -12.23
C LYS A 261 -19.34 17.58 -11.15
N ARG A 262 -19.11 16.60 -10.29
CA ARG A 262 -18.03 16.67 -9.31
C ARG A 262 -16.76 16.09 -9.92
N LYS A 263 -15.69 16.87 -9.92
CA LYS A 263 -14.46 16.44 -10.58
C LYS A 263 -13.92 15.16 -9.97
N SER A 264 -13.46 14.26 -10.83
CA SER A 264 -12.97 12.97 -10.37
C SER A 264 -11.74 13.13 -9.50
N GLN A 265 -11.76 12.49 -8.33
CA GLN A 265 -10.58 12.46 -7.48
C GLN A 265 -9.42 11.72 -8.12
N ILE A 266 -9.69 10.83 -9.09
CA ILE A 266 -8.58 10.19 -9.79
C ILE A 266 -7.86 11.21 -10.67
N GLN A 267 -8.61 12.11 -11.31
CA GLN A 267 -7.98 13.13 -12.14
C GLN A 267 -7.23 14.14 -11.30
N THR A 268 -7.80 14.53 -10.15
CA THR A 268 -7.06 15.40 -9.23
C THR A 268 -5.74 14.75 -8.83
N TYR A 269 -5.79 13.46 -8.48
CA TYR A 269 -4.56 12.73 -8.18
C TYR A 269 -3.54 12.89 -9.31
N LEU A 270 -3.95 12.58 -10.54
CA LEU A 270 -2.99 12.56 -11.64
C LEU A 270 -2.39 13.94 -11.87
N GLU A 271 -3.19 14.99 -11.67
CA GLU A 271 -2.66 16.35 -11.83
C GLU A 271 -1.64 16.68 -10.75
N HIS A 272 -1.96 16.42 -9.48
CA HIS A 272 -1.04 16.82 -8.42
C HIS A 272 0.15 15.88 -8.29
N ASN A 273 0.00 14.63 -8.73
CA ASN A 273 1.09 13.66 -8.69
C ASN A 273 2.01 13.73 -9.89
N GLU A 274 1.67 14.53 -10.91
CA GLU A 274 2.36 14.50 -12.20
C GLU A 274 2.29 13.11 -12.82
N GLY A 275 1.10 12.53 -12.84
CA GLY A 275 0.85 11.31 -13.57
C GLY A 275 0.51 10.13 -12.67
N ALA A 276 0.55 8.95 -13.28
CA ALA A 276 0.19 7.71 -12.61
C ALA A 276 1.06 7.47 -11.38
N GLY A 277 0.48 6.79 -10.39
CA GLY A 277 1.22 6.42 -9.19
C GLY A 277 0.31 5.68 -8.24
N LEU A 278 0.87 5.34 -7.08
CA LEU A 278 0.11 4.61 -6.08
C LEU A 278 -0.87 5.54 -5.38
N GLN A 279 -2.15 5.16 -5.37
CA GLN A 279 -3.20 5.97 -4.75
C GLN A 279 -3.39 5.66 -3.27
N HIS A 280 -3.60 4.39 -2.91
CA HIS A 280 -3.75 4.11 -1.49
C HIS A 280 -3.22 2.72 -1.13
N LEU A 281 -2.81 2.61 0.13
CA LEU A 281 -2.45 1.35 0.76
C LEU A 281 -3.53 0.99 1.76
N ALA A 282 -4.06 -0.22 1.64
CA ALA A 282 -5.07 -0.71 2.59
C ALA A 282 -4.41 -1.64 3.58
N LEU A 283 -4.49 -1.30 4.87
CA LEU A 283 -3.80 -2.00 5.94
C LEU A 283 -4.83 -2.76 6.75
N MET A 284 -4.69 -4.08 6.81
CA MET A 284 -5.61 -4.90 7.59
C MET A 284 -5.30 -4.79 9.07
N SER A 285 -6.35 -4.57 9.86
CA SER A 285 -6.25 -4.55 11.30
C SER A 285 -6.90 -5.80 11.87
N GLU A 286 -6.32 -6.32 12.93
CA GLU A 286 -6.95 -7.41 13.68
C GLU A 286 -8.04 -6.91 14.62
N ASP A 287 -8.19 -5.59 14.76
CA ASP A 287 -9.19 -5.02 15.65
C ASP A 287 -9.38 -3.57 15.20
N ILE A 288 -10.24 -3.36 14.20
CA ILE A 288 -10.32 -2.04 13.57
C ILE A 288 -10.82 -1.00 14.58
N PHE A 289 -11.62 -1.43 15.55
CA PHE A 289 -12.06 -0.50 16.58
C PHE A 289 -10.88 0.04 17.37
N ARG A 290 -10.00 -0.87 17.83
CA ARG A 290 -8.85 -0.40 18.60
C ARG A 290 -7.93 0.45 17.72
N THR A 291 -7.72 0.04 16.47
CA THR A 291 -6.81 0.79 15.60
C THR A 291 -7.30 2.22 15.41
N LEU A 292 -8.60 2.39 15.19
CA LEU A 292 -9.13 3.73 14.94
C LEU A 292 -9.17 4.56 16.22
N ARG A 293 -9.51 3.93 17.36
CA ARG A 293 -9.39 4.66 18.62
C ARG A 293 -7.99 5.22 18.79
N GLU A 294 -6.97 4.38 18.58
CA GLU A 294 -5.59 4.80 18.81
C GLU A 294 -5.14 5.82 17.78
N MET A 295 -5.47 5.60 16.51
CA MET A 295 -5.05 6.57 15.49
C MET A 295 -5.76 7.91 15.66
N ARG A 296 -7.05 7.89 16.01
CA ARG A 296 -7.78 9.16 16.12
C ARG A 296 -7.31 9.96 17.32
N LYS A 297 -6.87 9.29 18.39
CA LYS A 297 -6.31 10.01 19.54
C LYS A 297 -5.09 10.83 19.16
N ARG A 298 -4.40 10.41 18.11
CA ARG A 298 -3.14 11.02 17.73
C ARG A 298 -3.23 11.93 16.51
N SER A 299 -4.42 12.08 15.93
CA SER A 299 -4.55 12.83 14.68
C SER A 299 -3.95 14.22 14.78
N SER A 300 -4.21 14.90 15.89
CA SER A 300 -3.80 16.30 16.05
C SER A 300 -2.51 16.45 16.84
N ILE A 301 -1.84 15.35 17.17
CA ILE A 301 -0.56 15.41 17.85
C ILE A 301 0.49 14.61 17.09
N GLY A 302 0.48 14.76 15.76
CA GLY A 302 1.52 14.24 14.91
C GLY A 302 1.11 13.10 14.01
N GLY A 303 -0.08 12.53 14.22
CA GLY A 303 -0.47 11.35 13.48
C GLY A 303 -1.24 11.69 12.21
N PHE A 304 -2.26 10.90 11.91
CA PHE A 304 -2.96 11.02 10.64
C PHE A 304 -4.38 11.48 10.88
N ASP A 305 -4.89 12.30 9.97
CA ASP A 305 -6.29 12.72 9.97
C ASP A 305 -7.12 11.76 9.13
N PHE A 306 -8.43 11.73 9.42
CA PHE A 306 -9.35 10.88 8.68
C PHE A 306 -10.34 11.73 7.89
N MET A 307 -10.86 11.17 6.81
CA MET A 307 -11.86 11.84 6.02
C MET A 307 -13.08 12.15 6.89
N PRO A 308 -13.91 13.11 6.49
CA PRO A 308 -15.09 13.45 7.29
C PRO A 308 -16.02 12.24 7.42
N SER A 309 -16.54 12.05 8.63
CA SER A 309 -17.36 10.89 8.91
C SER A 309 -18.69 10.99 8.18
N PRO A 310 -19.34 9.87 7.91
CA PRO A 310 -20.65 9.93 7.25
C PRO A 310 -21.71 10.42 8.22
N PRO A 311 -22.83 10.92 7.71
CA PRO A 311 -23.89 11.43 8.59
C PRO A 311 -24.57 10.29 9.32
N PRO A 312 -25.27 10.57 10.43
CA PRO A 312 -25.93 9.49 11.18
C PRO A 312 -26.94 8.72 10.34
N THR A 313 -27.48 9.32 9.29
CA THR A 313 -28.31 8.58 8.33
C THR A 313 -27.59 7.32 7.86
N TYR A 314 -26.28 7.43 7.62
CA TYR A 314 -25.54 6.27 7.12
C TYR A 314 -25.57 5.13 8.13
N TYR A 315 -25.45 5.46 9.42
CA TYR A 315 -25.44 4.40 10.42
C TYR A 315 -26.84 3.89 10.74
N GLN A 316 -27.85 4.77 10.68
CA GLN A 316 -29.23 4.29 10.76
C GLN A 316 -29.51 3.29 9.64
N ASN A 317 -28.97 3.53 8.46
CA ASN A 317 -29.15 2.63 7.32
C ASN A 317 -28.33 1.35 7.43
N LEU A 318 -27.38 1.28 8.37
CA LEU A 318 -26.56 0.08 8.49
C LEU A 318 -27.35 -1.10 9.03
N LYS A 319 -28.35 -0.84 9.87
CA LYS A 319 -29.12 -1.94 10.46
C LYS A 319 -29.72 -2.83 9.38
N LYS A 320 -30.31 -2.23 8.34
CA LYS A 320 -30.97 -2.99 7.29
C LYS A 320 -29.97 -3.72 6.39
N ARG A 321 -28.71 -3.30 6.37
CA ARG A 321 -27.74 -3.89 5.46
C ARG A 321 -26.83 -4.91 6.13
N VAL A 322 -26.47 -4.71 7.39
CA VAL A 322 -25.48 -5.56 8.05
C VAL A 322 -25.93 -5.93 9.46
N GLY A 323 -27.20 -5.66 9.77
CA GLY A 323 -27.74 -5.97 11.09
C GLY A 323 -27.66 -7.44 11.48
N ASP A 324 -27.35 -8.32 10.54
CA ASP A 324 -27.14 -9.73 10.81
C ASP A 324 -25.68 -10.07 11.08
N VAL A 325 -24.76 -9.13 10.83
CA VAL A 325 -23.34 -9.35 11.07
C VAL A 325 -22.86 -8.58 12.29
N LEU A 326 -23.35 -7.37 12.49
CA LEU A 326 -22.94 -6.51 13.58
C LEU A 326 -24.13 -6.23 14.49
N SER A 327 -23.88 -6.30 15.79
CA SER A 327 -24.89 -5.92 16.77
C SER A 327 -25.09 -4.41 16.76
N ASP A 328 -26.14 -3.96 17.45
CA ASP A 328 -26.41 -2.52 17.53
C ASP A 328 -25.27 -1.78 18.22
N ASP A 329 -24.68 -2.40 19.25
CA ASP A 329 -23.53 -1.78 19.91
C ASP A 329 -22.33 -1.72 18.97
N GLN A 330 -22.13 -2.79 18.18
CA GLN A 330 -21.04 -2.78 17.20
C GLN A 330 -21.28 -1.75 16.12
N ILE A 331 -22.54 -1.53 15.74
CA ILE A 331 -22.85 -0.51 14.75
C ILE A 331 -22.62 0.89 15.32
N LYS A 332 -23.06 1.14 16.56
CA LYS A 332 -22.82 2.47 17.13
C LYS A 332 -21.34 2.70 17.39
N GLU A 333 -20.56 1.62 17.60
CA GLU A 333 -19.12 1.77 17.67
C GLU A 333 -18.54 2.21 16.34
N CYS A 334 -19.03 1.64 15.24
CA CYS A 334 -18.67 2.14 13.91
C CYS A 334 -18.99 3.63 13.79
N GLU A 335 -20.14 4.05 14.33
CA GLU A 335 -20.51 5.46 14.24
C GLU A 335 -19.57 6.34 15.06
N GLU A 336 -19.16 5.87 16.24
CA GLU A 336 -18.22 6.64 17.05
C GLU A 336 -16.95 6.95 16.28
N LEU A 337 -16.49 6.00 15.49
CA LEU A 337 -15.18 6.07 14.86
C LEU A 337 -15.23 6.45 13.40
N GLY A 338 -16.42 6.63 12.83
CA GLY A 338 -16.55 6.99 11.43
C GLY A 338 -16.29 5.85 10.46
N ILE A 339 -16.43 4.61 10.91
CA ILE A 339 -16.11 3.45 10.08
C ILE A 339 -17.20 3.21 9.06
N LEU A 340 -16.80 2.91 7.83
CA LEU A 340 -17.72 2.48 6.77
C LEU A 340 -17.85 0.97 6.76
N VAL A 341 -19.01 0.49 6.28
CA VAL A 341 -19.28 -0.94 6.19
C VAL A 341 -19.84 -1.25 4.80
N ASP A 342 -19.32 -2.31 4.18
CA ASP A 342 -19.87 -2.78 2.91
C ASP A 342 -19.91 -4.30 2.93
N ARG A 343 -20.64 -4.87 1.97
CA ARG A 343 -20.94 -6.30 1.99
C ARG A 343 -20.85 -6.88 0.58
N ASP A 344 -20.22 -8.05 0.49
CA ASP A 344 -20.19 -8.88 -0.71
C ASP A 344 -21.38 -9.83 -0.70
N ASP A 345 -21.31 -10.87 -1.54
CA ASP A 345 -22.14 -12.06 -1.40
C ASP A 345 -21.48 -13.10 -0.52
N GLN A 346 -20.29 -12.82 0.01
CA GLN A 346 -19.53 -13.80 0.77
C GLN A 346 -19.09 -13.25 2.12
N GLY A 347 -18.80 -11.95 2.20
CA GLY A 347 -18.26 -11.39 3.42
C GLY A 347 -18.62 -9.93 3.59
N THR A 348 -18.18 -9.37 4.72
CA THR A 348 -18.45 -7.99 5.08
C THR A 348 -17.13 -7.25 5.26
N LEU A 349 -17.12 -5.96 4.89
CA LEU A 349 -15.92 -5.13 4.96
C LEU A 349 -16.16 -3.95 5.89
N LEU A 350 -15.26 -3.73 6.85
CA LEU A 350 -15.17 -2.50 7.60
C LEU A 350 -13.96 -1.71 7.09
N GLN A 351 -14.15 -0.42 6.80
CA GLN A 351 -13.08 0.38 6.18
C GLN A 351 -13.19 1.85 6.60
N ILE A 352 -12.07 2.55 6.52
CA ILE A 352 -12.07 4.00 6.71
C ILE A 352 -10.82 4.53 6.02
N PHE A 353 -10.85 5.80 5.65
CA PHE A 353 -9.80 6.40 4.84
C PHE A 353 -9.18 7.59 5.53
N THR A 354 -7.85 7.66 5.48
CA THR A 354 -7.18 8.85 5.98
C THR A 354 -7.22 9.98 4.94
N LYS A 355 -6.98 11.20 5.42
CA LYS A 355 -6.63 12.29 4.53
C LYS A 355 -5.27 12.00 3.94
N PRO A 356 -4.87 12.73 2.89
CA PRO A 356 -3.56 12.50 2.27
C PRO A 356 -2.42 12.49 3.29
N LEU A 357 -1.46 11.61 3.04
CA LEU A 357 -0.36 11.38 3.97
C LEU A 357 0.63 12.53 3.98
N GLY A 358 0.69 13.30 2.90
CA GLY A 358 1.66 14.39 2.82
C GLY A 358 1.07 15.67 2.27
N ASP A 359 1.92 16.54 1.72
CA ASP A 359 1.48 17.85 1.26
C ASP A 359 0.47 17.75 0.12
N ARG A 360 0.67 16.78 -0.80
CA ARG A 360 -0.15 16.77 -2.00
C ARG A 360 -1.38 15.89 -1.81
N PRO A 361 -2.49 16.21 -2.50
CA PRO A 361 -3.71 15.37 -2.40
C PRO A 361 -3.59 14.15 -3.30
N THR A 362 -2.66 13.28 -2.92
CA THR A 362 -2.30 12.13 -3.74
C THR A 362 -2.51 10.87 -2.89
N ILE A 363 -1.46 10.37 -2.25
CA ILE A 363 -1.53 9.08 -1.56
C ILE A 363 -2.26 9.24 -0.23
N PHE A 364 -3.06 8.23 0.13
CA PHE A 364 -3.71 8.16 1.44
C PHE A 364 -3.71 6.70 1.88
N ILE A 365 -4.18 6.45 3.10
CA ILE A 365 -4.21 5.09 3.63
C ILE A 365 -5.65 4.70 3.94
N GLU A 366 -5.95 3.42 3.76
CA GLU A 366 -7.20 2.82 4.17
C GLU A 366 -6.91 1.83 5.29
N ILE A 367 -7.74 1.85 6.34
CA ILE A 367 -7.70 0.81 7.36
C ILE A 367 -8.91 -0.09 7.14
N ILE A 368 -8.69 -1.41 7.15
CA ILE A 368 -9.76 -2.34 6.88
C ILE A 368 -9.70 -3.54 7.81
N GLN A 369 -10.87 -4.16 8.01
CA GLN A 369 -10.96 -5.47 8.60
C GLN A 369 -12.09 -6.20 7.90
N ARG A 370 -11.89 -7.50 7.65
CA ARG A 370 -12.84 -8.29 6.88
C ARG A 370 -13.42 -9.39 7.75
N VAL A 371 -14.69 -9.68 7.55
CA VAL A 371 -15.36 -10.73 8.33
C VAL A 371 -16.12 -11.65 7.38
N GLY A 372 -15.88 -12.96 7.54
CA GLY A 372 -16.49 -13.98 6.71
C GLY A 372 -15.45 -14.77 5.95
N CYS A 373 -15.94 -15.52 4.95
CA CYS A 373 -15.08 -16.27 4.01
C CYS A 373 -14.04 -17.11 4.73
N MET A 374 -14.49 -17.85 5.76
CA MET A 374 -13.60 -18.72 6.52
C MET A 374 -13.52 -20.08 5.83
N MET A 375 -12.29 -20.59 5.69
CA MET A 375 -12.06 -21.91 5.11
C MET A 375 -11.27 -22.77 6.08
N TYR A 383 -8.35 -20.29 7.83
CA TYR A 383 -7.88 -19.04 7.26
C TYR A 383 -9.01 -18.28 6.57
N GLN A 384 -8.79 -16.99 6.32
CA GLN A 384 -9.73 -16.16 5.59
C GLN A 384 -9.29 -16.04 4.14
N SER A 385 -10.25 -16.12 3.22
CA SER A 385 -9.94 -15.98 1.80
C SER A 385 -9.71 -14.52 1.45
N GLY A 386 -8.83 -14.29 0.47
CA GLY A 386 -8.47 -12.93 0.13
C GLY A 386 -9.62 -12.14 -0.47
N GLY A 387 -9.64 -10.85 -0.15
CA GLY A 387 -10.65 -9.98 -0.73
C GLY A 387 -12.04 -10.17 -0.19
N CYS A 388 -12.19 -10.90 0.90
CA CYS A 388 -13.49 -11.14 1.53
C CYS A 388 -14.27 -9.88 1.82
N GLY A 389 -15.39 -9.68 1.13
CA GLY A 389 -16.19 -8.49 1.29
C GLY A 389 -16.00 -7.45 0.20
N GLY A 390 -14.99 -7.63 -0.64
CA GLY A 390 -14.77 -6.70 -1.74
C GLY A 390 -13.87 -5.54 -1.36
N PHE A 391 -14.13 -4.37 -1.95
CA PHE A 391 -13.29 -3.20 -1.74
C PHE A 391 -14.09 -1.95 -1.36
N GLY A 392 -15.39 -2.08 -1.15
CA GLY A 392 -16.20 -0.99 -0.65
C GLY A 392 -16.74 -0.08 -1.72
N LYS A 393 -16.73 -0.51 -2.99
CA LYS A 393 -17.27 0.33 -4.05
C LYS A 393 -18.73 0.66 -3.81
N GLY A 394 -19.47 -0.24 -3.16
CA GLY A 394 -20.84 0.06 -2.79
C GLY A 394 -20.98 1.20 -1.82
N ASN A 395 -19.88 1.60 -1.16
CA ASN A 395 -19.97 2.67 -0.18
C ASN A 395 -19.99 4.05 -0.83
N PHE A 396 -19.63 4.17 -2.10
CA PHE A 396 -19.79 5.45 -2.79
C PHE A 396 -21.25 5.85 -2.86
N SER A 397 -22.10 4.93 -3.36
CA SER A 397 -23.53 5.21 -3.46
C SER A 397 -24.15 5.38 -2.08
N GLU A 398 -23.81 4.50 -1.13
CA GLU A 398 -24.41 4.59 0.20
C GLU A 398 -24.05 5.91 0.88
N LEU A 399 -22.81 6.37 0.70
CA LEU A 399 -22.40 7.65 1.29
C LEU A 399 -23.20 8.80 0.69
N PHE A 400 -23.34 8.80 -0.64
CA PHE A 400 -24.09 9.85 -1.30
C PHE A 400 -25.54 9.88 -0.83
N LYS A 401 -26.19 8.71 -0.78
CA LYS A 401 -27.58 8.64 -0.33
C LYS A 401 -27.70 9.15 1.10
N SER A 402 -26.80 8.72 1.99
CA SER A 402 -26.83 9.15 3.37
C SER A 402 -26.72 10.67 3.48
N ILE A 403 -25.84 11.27 2.67
CA ILE A 403 -25.65 12.72 2.71
C ILE A 403 -26.92 13.43 2.28
N GLU A 404 -27.54 12.97 1.20
CA GLU A 404 -28.78 13.59 0.73
C GLU A 404 -29.89 13.42 1.76
N GLU A 405 -30.04 12.22 2.32
CA GLU A 405 -31.08 11.97 3.31
C GLU A 405 -30.87 12.83 4.56
N TYR A 406 -29.62 12.98 5.00
CA TYR A 406 -29.33 13.82 6.16
C TYR A 406 -29.70 15.28 5.88
N GLU A 407 -29.45 15.75 4.66
CA GLU A 407 -29.80 17.12 4.30
C GLU A 407 -31.31 17.34 4.44
N LYS A 408 -32.11 16.39 3.96
CA LYS A 408 -33.56 16.48 4.05
C LYS A 408 -34.04 16.51 5.50
CO CO B . -9.23 0.03 -0.94
C10 T8U C . -12.34 2.81 -1.91
C13 T8U C . -14.12 4.69 -0.94
C15 T8U C . -11.93 4.12 -1.71
C22 T8U C . -16.37 5.13 -0.17
C26 T8U C . -14.46 10.62 -0.08
C28 T8U C . -15.12 11.96 -1.95
C1 T8U C . -10.45 -0.65 -5.26
C2 T8U C . -11.66 -0.33 -6.11
C3 T8U C . -11.89 1.16 -6.27
C4 T8U C . -11.84 1.88 -4.92
C5 T8U C . -11.22 1.15 -3.73
C6 T8U C . -10.42 0.11 -3.94
C9 T8U C . -11.34 1.75 -2.35
C11 T8U C . -13.63 2.42 -1.61
C12 T8U C . -14.52 3.36 -1.12
C14 T8U C . -12.84 5.08 -1.23
C16 T8U C . -12.52 6.41 -1.01
C19 T8U C . -14.68 6.85 -0.27
C23 T8U C . -10.47 4.41 -2.07
C25 T8U C . -13.73 9.80 -0.93
C27 T8U C . -15.16 11.69 -0.59
C29 T8U C . -14.37 11.15 -2.80
C30 T8U C . -13.67 10.07 -2.29
C32 T8U C . -12.97 8.63 -0.33
F31 T8U C . -15.80 13.03 -2.45
N17 T8U C . -15.02 5.56 -0.48
N18 T8U C . -13.42 7.27 -0.55
O7 T8U C . -9.64 -0.40 -2.91
O8 T8U C . -12.28 2.98 -4.80
O20 T8U C . -11.45 6.89 -1.22
O21 T8U C . -15.49 7.61 0.16
O24 T8U C . -10.63 1.32 -1.47
#